data_3IXE
#
_entry.id   3IXE
#
_cell.length_a   41.416
_cell.length_b   72.010
_cell.length_c   83.937
_cell.angle_alpha   90.00
_cell.angle_beta   90.00
_cell.angle_gamma   90.00
#
_symmetry.space_group_name_H-M   'P 21 21 21'
#
loop_
_entity.id
_entity.type
_entity.pdbx_description
1 polymer 'Integrin-linked protein kinase'
2 polymer 'LIM and senescent cell antigen-like-containing domain protein 2'
3 non-polymer 'ZINC ION'
4 water water
#
loop_
_entity_poly.entity_id
_entity_poly.type
_entity_poly.pdbx_seq_one_letter_code
_entity_poly.pdbx_strand_id
1 'polypeptide(L)'
;GSPEFMDDIFTQCREGNAVAVRLWLDNTENDLNQGDDHGFSPLHWACREGRSAVVEMLIMRGARINVMNRGDDTPLHLAA
SHGHRDIVQKLLQYKADINAVNEHGNVPLHYACFWGQDQVAEDLVANGALVSICNKYGEMPVDKAKAPLRELLRERAEKM
GQNLNRIPYKDTFWKGTTR
;
A
2 'polypeptide(L)' SENLYFQGSANAVCQRCQARFSPAERIVNSNGELYHEHCFVCAQCFRPFPEGLFYEFEGRKYCEHDFQMLFA B
#
loop_
_chem_comp.id
_chem_comp.type
_chem_comp.name
_chem_comp.formula
ZN non-polymer 'ZINC ION' 'Zn 2'
#
# COMPACT_ATOMS: atom_id res chain seq x y z
N GLY A 1 -4.49 -44.48 -2.50
CA GLY A 1 -4.19 -43.62 -1.32
C GLY A 1 -2.94 -42.77 -1.51
N SER A 2 -2.70 -42.31 -2.73
CA SER A 2 -1.51 -41.52 -3.07
C SER A 2 -1.85 -40.04 -3.24
N PRO A 3 -1.06 -39.15 -2.61
CA PRO A 3 -1.28 -37.71 -2.75
C PRO A 3 -0.85 -37.20 -4.14
N GLU A 4 -1.66 -36.32 -4.72
CA GLU A 4 -1.31 -35.72 -6.02
CA GLU A 4 -1.32 -35.71 -6.02
C GLU A 4 -1.05 -34.23 -5.84
N PHE A 5 0.23 -33.87 -5.77
CA PHE A 5 0.62 -32.49 -5.53
C PHE A 5 0.26 -31.55 -6.68
N MET A 6 -0.17 -30.35 -6.30
CA MET A 6 -0.68 -29.35 -7.24
C MET A 6 0.08 -28.05 -7.05
N ASP A 7 0.15 -27.23 -8.10
CA ASP A 7 0.61 -25.85 -7.91
C ASP A 7 -0.52 -25.06 -7.28
N ASP A 8 -0.21 -24.28 -6.25
CA ASP A 8 -1.25 -23.46 -5.67
C ASP A 8 -1.28 -22.10 -6.33
N ILE A 9 -2.50 -21.62 -6.57
CA ILE A 9 -2.74 -20.37 -7.30
C ILE A 9 -2.06 -19.15 -6.67
N PHE A 10 -2.00 -19.09 -5.34
CA PHE A 10 -1.47 -17.90 -4.67
C PHE A 10 0.02 -17.72 -4.95
N THR A 11 0.77 -18.82 -4.89
CA THR A 11 2.19 -18.79 -5.23
C THR A 11 2.39 -18.41 -6.69
N GLN A 12 1.56 -18.97 -7.57
CA GLN A 12 1.71 -18.70 -9.00
C GLN A 12 1.42 -17.23 -9.33
N CYS A 13 0.49 -16.65 -8.59
CA CYS A 13 0.15 -15.23 -8.76
C CYS A 13 1.24 -14.31 -8.21
N ARG A 14 1.78 -14.68 -7.05
CA ARG A 14 2.94 -13.99 -6.48
C ARG A 14 4.13 -13.98 -7.43
N GLU A 15 4.40 -15.14 -8.04
CA GLU A 15 5.55 -15.31 -8.91
C GLU A 15 5.26 -14.83 -10.34
N GLY A 16 3.98 -14.65 -10.66
CA GLY A 16 3.57 -14.20 -11.99
C GLY A 16 3.79 -15.24 -13.08
N ASN A 17 3.61 -16.50 -12.72
CA ASN A 17 3.75 -17.60 -13.69
C ASN A 17 2.46 -17.77 -14.49
N ALA A 18 2.41 -17.10 -15.64
CA ALA A 18 1.17 -16.95 -16.43
C ALA A 18 0.55 -18.24 -16.95
N VAL A 19 1.37 -19.19 -17.41
CA VAL A 19 0.82 -20.45 -17.91
C VAL A 19 0.13 -21.21 -16.76
N ALA A 20 0.80 -21.33 -15.61
CA ALA A 20 0.22 -22.00 -14.46
C ALA A 20 -1.10 -21.34 -14.05
N VAL A 21 -1.13 -20.01 -14.02
CA VAL A 21 -2.35 -19.25 -13.70
C VAL A 21 -3.45 -19.53 -14.73
N ARG A 22 -3.09 -19.52 -16.00
CA ARG A 22 -4.06 -19.82 -17.06
C ARG A 22 -4.62 -21.25 -16.91
N LEU A 23 -3.76 -22.22 -16.63
CA LEU A 23 -4.22 -23.61 -16.45
C LEU A 23 -5.23 -23.70 -15.30
N TRP A 24 -4.97 -22.94 -14.23
CA TRP A 24 -5.87 -22.82 -13.09
C TRP A 24 -7.18 -22.15 -13.48
N LEU A 25 -7.08 -21.08 -14.26
CA LEU A 25 -8.27 -20.39 -14.75
C LEU A 25 -9.15 -21.28 -15.63
N ASP A 26 -8.51 -22.17 -16.41
CA ASP A 26 -9.23 -23.10 -17.28
C ASP A 26 -10.12 -24.08 -16.52
N ASN A 27 -9.77 -24.36 -15.27
CA ASN A 27 -10.68 -25.07 -14.38
C ASN A 27 -11.77 -24.09 -13.96
N THR A 28 -12.88 -24.11 -14.70
CA THR A 28 -13.96 -23.13 -14.51
C THR A 28 -14.65 -23.18 -13.14
N GLU A 29 -14.44 -24.27 -12.40
CA GLU A 29 -15.00 -24.44 -11.05
C GLU A 29 -14.13 -23.83 -9.94
N ASN A 30 -12.90 -23.44 -10.28
CA ASN A 30 -12.08 -22.66 -9.37
C ASN A 30 -12.79 -21.35 -9.05
N ASP A 31 -12.68 -20.94 -7.79
CA ASP A 31 -13.28 -19.69 -7.34
C ASP A 31 -12.22 -18.61 -7.50
N LEU A 32 -12.45 -17.73 -8.48
CA LEU A 32 -11.54 -16.61 -8.79
C LEU A 32 -11.25 -15.73 -7.59
N ASN A 33 -12.23 -15.63 -6.70
CA ASN A 33 -12.19 -14.68 -5.59
C ASN A 33 -11.74 -15.24 -4.25
N GLN A 34 -11.64 -16.57 -4.15
CA GLN A 34 -11.31 -17.19 -2.86
C GLN A 34 -9.95 -16.72 -2.37
N GLY A 35 -9.90 -16.28 -1.11
CA GLY A 35 -8.66 -15.83 -0.50
C GLY A 35 -7.88 -16.93 0.20
N ASP A 36 -6.60 -16.67 0.45
CA ASP A 36 -5.75 -17.59 1.20
C ASP A 36 -6.03 -17.48 2.71
N ASP A 37 -5.11 -17.99 3.53
CA ASP A 37 -5.29 -17.98 4.99
CA ASP A 37 -5.27 -17.98 4.99
C ASP A 37 -5.47 -16.57 5.55
N HIS A 38 -4.90 -15.57 4.87
CA HIS A 38 -5.05 -14.17 5.30
C HIS A 38 -6.03 -13.37 4.44
N GLY A 39 -6.85 -14.06 3.67
CA GLY A 39 -7.85 -13.41 2.80
C GLY A 39 -7.33 -12.75 1.53
N PHE A 40 -6.05 -12.95 1.22
CA PHE A 40 -5.47 -12.47 -0.05
C PHE A 40 -5.97 -13.33 -1.21
N SER A 41 -6.67 -12.72 -2.16
CA SER A 41 -7.11 -13.39 -3.39
C SER A 41 -5.95 -13.51 -4.39
N PRO A 42 -6.15 -14.33 -5.46
CA PRO A 42 -5.18 -14.32 -6.55
C PRO A 42 -4.88 -12.89 -7.02
N LEU A 43 -5.92 -12.09 -7.23
CA LEU A 43 -5.75 -10.69 -7.66
C LEU A 43 -4.96 -9.83 -6.65
N HIS A 44 -5.18 -10.03 -5.34
CA HIS A 44 -4.43 -9.30 -4.32
C HIS A 44 -2.93 -9.51 -4.54
N TRP A 45 -2.55 -10.78 -4.69
CA TRP A 45 -1.13 -11.15 -4.79
C TRP A 45 -0.51 -10.66 -6.09
N ALA A 46 -1.22 -10.83 -7.20
CA ALA A 46 -0.73 -10.36 -8.49
C ALA A 46 -0.49 -8.85 -8.46
N CYS A 47 -1.42 -8.11 -7.84
CA CYS A 47 -1.30 -6.66 -7.73
C CYS A 47 -0.17 -6.24 -6.80
N ARG A 48 -0.08 -6.88 -5.63
CA ARG A 48 0.99 -6.62 -4.66
C ARG A 48 2.40 -6.83 -5.22
N GLU A 49 2.60 -7.89 -6.01
CA GLU A 49 3.93 -8.24 -6.51
C GLU A 49 4.23 -7.68 -7.91
N GLY A 50 3.33 -6.86 -8.42
CA GLY A 50 3.57 -6.17 -9.70
C GLY A 50 3.52 -7.07 -10.94
N ARG A 51 2.70 -8.12 -10.89
CA ARG A 51 2.60 -9.07 -12.01
C ARG A 51 1.51 -8.65 -12.98
N SER A 52 1.84 -7.67 -13.82
CA SER A 52 0.89 -7.02 -14.70
C SER A 52 0.09 -8.00 -15.58
N ALA A 53 0.77 -8.94 -16.20
CA ALA A 53 0.08 -9.88 -17.10
C ALA A 53 -0.95 -10.71 -16.35
N VAL A 54 -0.58 -11.23 -15.20
CA VAL A 54 -1.49 -12.04 -14.37
C VAL A 54 -2.67 -11.19 -13.85
N VAL A 55 -2.41 -9.96 -13.44
CA VAL A 55 -3.48 -9.04 -13.04
C VAL A 55 -4.55 -8.95 -14.13
N GLU A 56 -4.11 -8.66 -15.36
CA GLU A 56 -5.03 -8.54 -16.47
C GLU A 56 -5.80 -9.83 -16.75
N MET A 57 -5.08 -10.96 -16.74
CA MET A 57 -5.72 -12.28 -16.92
C MET A 57 -6.87 -12.52 -15.93
N LEU A 58 -6.63 -12.19 -14.66
CA LEU A 58 -7.65 -12.36 -13.63
C LEU A 58 -8.82 -11.40 -13.85
N ILE A 59 -8.52 -10.13 -14.10
CA ILE A 59 -9.57 -9.15 -14.38
C ILE A 59 -10.44 -9.61 -15.55
N MET A 60 -9.81 -10.06 -16.62
CA MET A 60 -10.53 -10.42 -17.85
C MET A 60 -11.47 -11.63 -17.69
N ARG A 61 -11.18 -12.51 -16.73
CA ARG A 61 -12.09 -13.63 -16.41
C ARG A 61 -13.18 -13.23 -15.43
N GLY A 62 -13.13 -11.97 -14.98
CA GLY A 62 -14.21 -11.41 -14.17
C GLY A 62 -13.98 -11.45 -12.67
N ALA A 63 -12.71 -11.53 -12.26
CA ALA A 63 -12.37 -11.46 -10.84
C ALA A 63 -12.88 -10.16 -10.23
N ARG A 64 -13.46 -10.24 -9.04
CA ARG A 64 -14.00 -9.06 -8.38
C ARG A 64 -12.87 -8.12 -7.98
N ILE A 65 -12.99 -6.86 -8.41
CA ILE A 65 -11.91 -5.89 -8.30
C ILE A 65 -11.74 -5.39 -6.88
N ASN A 66 -12.83 -5.33 -6.14
CA ASN A 66 -12.81 -4.72 -4.81
C ASN A 66 -12.79 -5.75 -3.66
N VAL A 67 -12.31 -6.96 -3.94
CA VAL A 67 -12.21 -8.00 -2.91
C VAL A 67 -11.33 -7.50 -1.76
N MET A 68 -11.66 -7.93 -0.54
CA MET A 68 -10.94 -7.49 0.65
C MET A 68 -10.22 -8.64 1.35
N ASN A 69 -9.01 -8.39 1.82
CA ASN A 69 -8.31 -9.37 2.65
C ASN A 69 -8.67 -9.20 4.13
N ARG A 70 -7.95 -9.88 5.02
CA ARG A 70 -8.28 -9.85 6.45
CA ARG A 70 -8.28 -9.85 6.45
C ARG A 70 -8.14 -8.46 7.07
N GLY A 71 -7.26 -7.64 6.48
CA GLY A 71 -7.10 -6.25 6.91
C GLY A 71 -8.01 -5.28 6.15
N ASP A 72 -8.92 -5.83 5.34
CA ASP A 72 -9.82 -5.08 4.45
C ASP A 72 -9.12 -4.27 3.36
N ASP A 73 -7.89 -4.64 3.02
CA ASP A 73 -7.21 -4.08 1.85
C ASP A 73 -7.79 -4.66 0.58
N THR A 74 -7.91 -3.81 -0.43
CA THR A 74 -8.29 -4.22 -1.79
C THR A 74 -7.02 -4.37 -2.62
N PRO A 75 -7.12 -5.02 -3.79
CA PRO A 75 -5.95 -5.06 -4.68
C PRO A 75 -5.35 -3.67 -4.95
N LEU A 76 -6.20 -2.65 -5.06
CA LEU A 76 -5.78 -1.27 -5.33
C LEU A 76 -4.94 -0.68 -4.18
N HIS A 77 -5.30 -0.96 -2.94
CA HIS A 77 -4.46 -0.59 -1.79
C HIS A 77 -3.04 -1.07 -1.99
N LEU A 78 -2.90 -2.35 -2.34
CA LEU A 78 -1.60 -3.00 -2.47
C LEU A 78 -0.80 -2.51 -3.65
N ALA A 79 -1.45 -2.38 -4.81
CA ALA A 79 -0.77 -1.88 -6.00
C ALA A 79 -0.27 -0.45 -5.78
N ALA A 80 -1.07 0.37 -5.11
CA ALA A 80 -0.70 1.76 -4.83
C ALA A 80 0.43 1.83 -3.80
N SER A 81 0.33 1.00 -2.77
CA SER A 81 1.30 0.99 -1.69
C SER A 81 2.68 0.61 -2.22
N HIS A 82 2.70 -0.36 -3.11
CA HIS A 82 3.95 -0.88 -3.66
C HIS A 82 4.34 -0.22 -4.99
N GLY A 83 3.62 0.83 -5.35
CA GLY A 83 3.98 1.72 -6.46
C GLY A 83 3.97 1.11 -7.85
N HIS A 84 3.06 0.17 -8.08
CA HIS A 84 2.93 -0.46 -9.38
C HIS A 84 1.96 0.34 -10.23
N ARG A 85 2.51 1.34 -10.91
CA ARG A 85 1.68 2.33 -11.59
C ARG A 85 0.79 1.75 -12.70
N ASP A 86 1.35 0.84 -13.50
CA ASP A 86 0.58 0.22 -14.58
C ASP A 86 -0.63 -0.52 -14.04
N ILE A 87 -0.42 -1.24 -12.95
CA ILE A 87 -1.47 -2.03 -12.32
C ILE A 87 -2.52 -1.12 -11.66
N VAL A 88 -2.09 -0.05 -11.01
CA VAL A 88 -3.02 0.96 -10.49
C VAL A 88 -3.94 1.48 -11.59
N GLN A 89 -3.34 1.85 -12.74
CA GLN A 89 -4.11 2.39 -13.85
C GLN A 89 -5.09 1.36 -14.40
N LYS A 90 -4.65 0.11 -14.53
CA LYS A 90 -5.50 -0.99 -14.98
C LYS A 90 -6.69 -1.17 -14.04
N LEU A 91 -6.43 -1.15 -12.74
CA LEU A 91 -7.49 -1.30 -11.74
C LEU A 91 -8.51 -0.18 -11.82
N LEU A 92 -8.03 1.05 -11.94
CA LEU A 92 -8.90 2.22 -12.05
C LEU A 92 -9.76 2.12 -13.30
N GLN A 93 -9.15 1.69 -14.40
CA GLN A 93 -9.85 1.57 -15.67
C GLN A 93 -10.97 0.52 -15.63
N TYR A 94 -10.78 -0.52 -14.84
CA TYR A 94 -11.81 -1.55 -14.65
C TYR A 94 -12.66 -1.29 -13.40
N LYS A 95 -12.75 -0.01 -13.05
CA LYS A 95 -13.67 0.52 -12.04
C LYS A 95 -13.40 0.06 -10.60
N ALA A 96 -12.12 -0.02 -10.21
CA ALA A 96 -11.79 -0.19 -8.80
C ALA A 96 -12.38 0.96 -7.98
N ASP A 97 -12.86 0.63 -6.79
CA ASP A 97 -13.32 1.61 -5.82
C ASP A 97 -12.12 2.40 -5.32
N ILE A 98 -12.00 3.62 -5.81
CA ILE A 98 -10.83 4.46 -5.57
C ILE A 98 -10.70 4.95 -4.11
N ASN A 99 -11.84 5.00 -3.41
CA ASN A 99 -11.87 5.45 -2.02
C ASN A 99 -12.21 4.31 -1.05
N ALA A 100 -11.85 3.08 -1.42
CA ALA A 100 -12.10 1.91 -0.60
C ALA A 100 -11.30 2.02 0.69
N VAL A 101 -11.96 1.74 1.81
CA VAL A 101 -11.33 1.87 3.13
C VAL A 101 -11.02 0.51 3.76
N ASN A 102 -9.81 0.41 4.31
CA ASN A 102 -9.40 -0.79 5.03
C ASN A 102 -9.78 -0.71 6.52
N GLU A 103 -9.29 -1.64 7.31
CA GLU A 103 -9.75 -1.72 8.71
C GLU A 103 -9.35 -0.47 9.52
N HIS A 104 -8.36 0.27 9.02
CA HIS A 104 -7.86 1.48 9.69
C HIS A 104 -8.48 2.74 9.13
N GLY A 105 -9.40 2.58 8.17
CA GLY A 105 -9.96 3.72 7.45
C GLY A 105 -9.01 4.28 6.40
N ASN A 106 -7.94 3.56 6.08
CA ASN A 106 -7.01 4.00 5.04
C ASN A 106 -7.51 3.71 3.64
N VAL A 107 -7.32 4.68 2.74
CA VAL A 107 -7.64 4.50 1.32
C VAL A 107 -6.33 4.24 0.57
N PRO A 108 -6.41 3.77 -0.69
CA PRO A 108 -5.18 3.55 -1.44
C PRO A 108 -4.28 4.79 -1.47
N LEU A 109 -4.88 5.98 -1.50
CA LEU A 109 -4.11 7.23 -1.53
C LEU A 109 -3.21 7.43 -0.29
N HIS A 110 -3.69 7.00 0.89
CA HIS A 110 -2.83 7.01 2.09
C HIS A 110 -1.46 6.37 1.84
N TYR A 111 -1.48 5.19 1.23
CA TYR A 111 -0.26 4.42 1.00
C TYR A 111 0.60 4.98 -0.11
N ALA A 112 -0.04 5.42 -1.21
CA ALA A 112 0.68 6.13 -2.26
C ALA A 112 1.41 7.35 -1.69
N CYS A 113 0.73 8.09 -0.81
CA CYS A 113 1.35 9.26 -0.18
C CYS A 113 2.46 8.87 0.77
N PHE A 114 2.16 7.94 1.69
CA PHE A 114 3.10 7.51 2.73
C PHE A 114 4.42 7.05 2.11
N TRP A 115 4.31 6.31 1.00
CA TRP A 115 5.50 5.73 0.35
C TRP A 115 6.08 6.58 -0.77
N GLY A 116 5.63 7.82 -0.89
CA GLY A 116 6.11 8.74 -1.91
C GLY A 116 6.01 8.18 -3.32
N GLN A 117 4.89 7.52 -3.61
CA GLN A 117 4.63 7.05 -4.97
C GLN A 117 3.91 8.18 -5.69
N ASP A 118 4.68 9.20 -6.06
CA ASP A 118 4.12 10.48 -6.49
C ASP A 118 3.13 10.37 -7.66
N GLN A 119 3.53 9.65 -8.71
CA GLN A 119 2.70 9.53 -9.92
CA GLN A 119 2.72 9.53 -9.92
C GLN A 119 1.48 8.64 -9.73
N VAL A 120 1.63 7.61 -8.89
CA VAL A 120 0.49 6.79 -8.50
C VAL A 120 -0.52 7.67 -7.75
N ALA A 121 -0.03 8.50 -6.84
CA ALA A 121 -0.90 9.39 -6.05
C ALA A 121 -1.63 10.36 -6.98
N GLU A 122 -0.89 10.91 -7.93
CA GLU A 122 -1.44 11.78 -8.97
C GLU A 122 -2.51 11.08 -9.79
N ASP A 123 -2.25 9.85 -10.22
CA ASP A 123 -3.22 9.04 -10.97
C ASP A 123 -4.51 8.84 -10.18
N LEU A 124 -4.37 8.64 -8.87
CA LEU A 124 -5.51 8.42 -8.00
C LEU A 124 -6.39 9.66 -7.87
N VAL A 125 -5.79 10.79 -7.52
CA VAL A 125 -6.51 12.06 -7.45
C VAL A 125 -7.17 12.44 -8.80
N ALA A 126 -6.44 12.23 -9.90
CA ALA A 126 -6.98 12.49 -11.25
C ALA A 126 -8.24 11.68 -11.57
N ASN A 127 -8.44 10.59 -10.84
CA ASN A 127 -9.61 9.74 -11.03
C ASN A 127 -10.60 9.76 -9.86
N GLY A 128 -10.44 10.77 -9.00
CA GLY A 128 -11.44 11.09 -7.98
C GLY A 128 -11.11 10.63 -6.56
N ALA A 129 -9.84 10.28 -6.31
CA ALA A 129 -9.45 9.92 -4.95
C ALA A 129 -9.47 11.17 -4.10
N LEU A 130 -10.23 11.10 -3.00
CA LEU A 130 -10.36 12.23 -2.07
C LEU A 130 -9.09 12.43 -1.26
N VAL A 131 -8.64 13.68 -1.20
CA VAL A 131 -7.39 14.01 -0.54
C VAL A 131 -7.55 14.29 0.96
N SER A 132 -8.78 14.59 1.38
CA SER A 132 -9.05 15.05 2.74
C SER A 132 -9.83 14.09 3.65
N ILE A 133 -9.96 12.84 3.23
CA ILE A 133 -10.68 11.81 4.00
C ILE A 133 -9.81 11.24 5.12
N CYS A 134 -10.15 11.56 6.37
CA CYS A 134 -9.40 11.02 7.51
C CYS A 134 -9.58 9.51 7.59
N ASN A 135 -8.51 8.83 7.96
CA ASN A 135 -8.61 7.44 8.40
C ASN A 135 -9.21 7.41 9.81
N LYS A 136 -9.33 6.23 10.39
CA LYS A 136 -9.98 6.11 11.70
C LYS A 136 -9.26 6.84 12.82
N TYR A 137 -8.02 7.25 12.56
CA TYR A 137 -7.15 7.88 13.56
C TYR A 137 -6.87 9.35 13.22
N GLY A 138 -7.74 9.92 12.38
CA GLY A 138 -7.72 11.37 12.08
C GLY A 138 -6.73 11.85 11.04
N GLU A 139 -6.07 10.92 10.35
CA GLU A 139 -5.06 11.27 9.35
C GLU A 139 -5.61 11.20 7.93
N MET A 140 -5.45 12.30 7.19
CA MET A 140 -5.87 12.37 5.79
C MET A 140 -4.77 11.79 4.91
N PRO A 141 -5.10 11.34 3.69
CA PRO A 141 -4.06 10.81 2.80
C PRO A 141 -2.88 11.77 2.64
N VAL A 142 -3.15 13.04 2.41
CA VAL A 142 -2.08 14.03 2.21
C VAL A 142 -1.31 14.39 3.49
N ASP A 143 -1.84 14.02 4.65
CA ASP A 143 -1.11 14.11 5.92
C ASP A 143 0.08 13.17 5.91
N LYS A 144 0.01 12.11 5.09
CA LYS A 144 1.06 11.09 5.02
C LYS A 144 2.11 11.42 3.96
N ALA A 145 1.82 12.43 3.14
CA ALA A 145 2.73 12.83 2.08
C ALA A 145 3.76 13.82 2.59
N LYS A 146 4.89 13.90 1.90
CA LYS A 146 5.80 15.03 2.08
C LYS A 146 5.13 16.28 1.54
N ALA A 147 5.51 17.44 2.07
CA ALA A 147 4.89 18.71 1.67
C ALA A 147 4.82 18.98 0.15
N PRO A 148 5.90 18.69 -0.62
CA PRO A 148 5.73 18.95 -2.06
C PRO A 148 4.63 18.11 -2.71
N LEU A 149 4.57 16.82 -2.38
CA LEU A 149 3.49 15.97 -2.91
C LEU A 149 2.12 16.43 -2.42
N ARG A 150 2.00 16.72 -1.12
CA ARG A 150 0.76 17.27 -0.55
C ARG A 150 0.21 18.44 -1.39
N GLU A 151 1.10 19.39 -1.71
CA GLU A 151 0.69 20.58 -2.44
C GLU A 151 0.29 20.29 -3.88
N LEU A 152 1.02 19.38 -4.51
CA LEU A 152 0.76 18.93 -5.87
C LEU A 152 -0.63 18.28 -5.94
N LEU A 153 -0.92 17.42 -4.96
CA LEU A 153 -2.18 16.69 -4.89
C LEU A 153 -3.36 17.57 -4.52
N ARG A 154 -3.17 18.47 -3.56
CA ARG A 154 -4.20 19.44 -3.19
C ARG A 154 -4.56 20.35 -4.37
N GLU A 155 -3.57 20.76 -5.15
CA GLU A 155 -3.79 21.59 -6.35
C GLU A 155 -4.62 20.84 -7.40
N ARG A 156 -4.23 19.60 -7.70
CA ARG A 156 -5.00 18.75 -8.61
C ARG A 156 -6.44 18.56 -8.13
N ALA A 157 -6.63 18.25 -6.84
CA ALA A 157 -7.96 18.05 -6.27
C ALA A 157 -8.79 19.32 -6.34
N GLU A 158 -8.15 20.47 -6.08
CA GLU A 158 -8.80 21.78 -6.21
C GLU A 158 -9.34 22.00 -7.63
N LYS A 159 -8.47 21.80 -8.62
CA LYS A 159 -8.81 21.98 -10.03
C LYS A 159 -9.96 21.07 -10.47
N MET A 160 -10.05 19.90 -9.83
CA MET A 160 -11.07 18.89 -10.12
CA MET A 160 -11.09 18.94 -10.17
C MET A 160 -12.38 19.20 -9.39
N GLY A 161 -12.35 20.17 -8.49
CA GLY A 161 -13.55 20.57 -7.77
C GLY A 161 -13.80 19.85 -6.47
N GLN A 162 -12.77 19.17 -5.96
CA GLN A 162 -12.88 18.55 -4.65
C GLN A 162 -13.07 19.60 -3.56
N ASN A 163 -13.81 19.22 -2.52
CA ASN A 163 -13.86 20.00 -1.30
C ASN A 163 -12.67 19.55 -0.45
N LEU A 164 -11.79 20.49 -0.11
CA LEU A 164 -10.55 20.16 0.58
C LEU A 164 -10.67 20.12 2.11
N ASN A 165 -11.87 20.44 2.61
CA ASN A 165 -12.14 20.40 4.05
C ASN A 165 -11.85 19.02 4.61
N ARG A 166 -11.13 18.99 5.74
CA ARG A 166 -10.87 17.76 6.48
C ARG A 166 -12.19 17.05 6.78
N ILE A 167 -12.27 15.75 6.49
CA ILE A 167 -13.45 14.94 6.79
C ILE A 167 -13.14 13.94 7.90
N PRO A 168 -13.58 14.24 9.15
CA PRO A 168 -13.33 13.32 10.25
C PRO A 168 -14.06 12.00 10.06
N TYR A 169 -13.49 10.90 10.54
CA TYR A 169 -14.06 9.57 10.37
CA TYR A 169 -14.05 9.57 10.38
C TYR A 169 -15.35 9.40 11.17
N LYS A 170 -16.39 8.94 10.48
CA LYS A 170 -17.67 8.64 11.10
C LYS A 170 -18.09 7.20 10.79
N ASP A 171 -18.82 6.60 11.74
CA ASP A 171 -19.37 5.25 11.63
C ASP A 171 -18.33 4.18 11.94
N ASN B 3 41.89 25.57 0.63
CA ASN B 3 42.25 24.23 1.17
C ASN B 3 42.31 23.17 0.07
N LEU B 4 43.28 22.27 0.16
CA LEU B 4 43.54 21.32 -0.93
C LEU B 4 43.10 19.89 -0.63
N TYR B 5 42.19 19.74 0.31
CA TYR B 5 41.70 18.41 0.66
C TYR B 5 40.28 18.17 0.17
N PHE B 6 40.06 16.98 -0.38
CA PHE B 6 38.72 16.55 -0.78
C PHE B 6 37.78 16.67 0.42
N GLN B 7 36.52 16.98 0.15
CA GLN B 7 35.55 17.17 1.22
C GLN B 7 34.31 16.32 0.96
N GLY B 8 33.80 15.72 2.04
CA GLY B 8 32.53 15.01 2.00
C GLY B 8 31.47 15.97 2.50
N SER B 9 30.23 15.76 2.06
CA SER B 9 29.17 16.73 2.31
C SER B 9 27.87 16.07 2.73
N ALA B 10 27.91 14.76 2.94
CA ALA B 10 26.71 13.98 3.26
C ALA B 10 26.01 14.50 4.52
N ASN B 11 24.68 14.60 4.42
CA ASN B 11 23.83 14.96 5.53
C ASN B 11 23.01 13.75 5.93
N ALA B 12 22.69 13.65 7.21
CA ALA B 12 21.83 12.57 7.70
C ALA B 12 20.45 12.70 7.08
N VAL B 13 19.92 11.59 6.57
CA VAL B 13 18.54 11.55 6.06
C VAL B 13 17.78 10.36 6.65
N CYS B 14 16.45 10.42 6.56
CA CYS B 14 15.58 9.37 7.06
C CYS B 14 15.69 8.11 6.23
N GLN B 15 15.92 6.98 6.91
CA GLN B 15 15.99 5.67 6.28
C GLN B 15 14.77 5.37 5.39
N ARG B 16 13.59 5.73 5.89
CA ARG B 16 12.34 5.36 5.23
C ARG B 16 11.99 6.26 4.05
N CYS B 17 12.08 7.59 4.25
CA CYS B 17 11.56 8.55 3.27
C CYS B 17 12.63 9.37 2.53
N GLN B 18 13.87 9.26 2.99
CA GLN B 18 15.04 9.93 2.36
CA GLN B 18 15.05 9.92 2.38
C GLN B 18 15.03 11.45 2.48
N ALA B 19 14.07 11.99 3.25
CA ALA B 19 14.03 13.43 3.51
C ALA B 19 15.01 13.77 4.64
N ARG B 20 15.45 15.03 4.65
CA ARG B 20 16.40 15.52 5.65
C ARG B 20 15.74 15.75 7.02
N PHE B 21 16.59 16.07 8.00
CA PHE B 21 16.14 16.38 9.36
C PHE B 21 16.32 17.86 9.66
N SER B 22 15.29 18.46 10.26
CA SER B 22 15.43 19.81 10.82
C SER B 22 16.27 19.71 12.10
N PRO B 23 17.08 20.76 12.40
CA PRO B 23 17.94 20.74 13.59
C PRO B 23 17.18 20.60 14.92
N ALA B 24 15.87 20.87 14.90
CA ALA B 24 15.04 20.86 16.12
C ALA B 24 14.41 19.50 16.48
N GLU B 25 14.26 18.63 15.49
CA GLU B 25 13.50 17.38 15.69
C GLU B 25 14.36 16.23 16.22
N ARG B 26 13.72 15.35 17.00
CA ARG B 26 14.38 14.17 17.54
CA ARG B 26 14.39 14.17 17.54
C ARG B 26 14.44 13.08 16.47
N ILE B 27 15.64 12.57 16.22
CA ILE B 27 15.87 11.51 15.25
C ILE B 27 15.82 10.17 15.98
N VAL B 28 14.91 9.30 15.56
CA VAL B 28 14.80 7.96 16.11
C VAL B 28 15.94 7.11 15.55
N ASN B 29 16.70 6.49 16.45
CA ASN B 29 17.73 5.54 16.07
C ASN B 29 17.28 4.12 16.42
N SER B 30 17.10 3.30 15.40
CA SER B 30 16.69 1.92 15.57
C SER B 30 17.68 0.99 14.88
N ASN B 31 18.54 0.37 15.69
CA ASN B 31 19.59 -0.52 15.20
C ASN B 31 20.48 0.15 14.15
N GLY B 32 20.90 1.37 14.45
CA GLY B 32 21.84 2.11 13.60
C GLY B 32 21.23 2.93 12.48
N GLU B 33 19.90 2.86 12.34
CA GLU B 33 19.17 3.54 11.26
C GLU B 33 18.41 4.76 11.77
N LEU B 34 18.47 5.85 11.02
CA LEU B 34 17.87 7.11 11.43
C LEU B 34 16.48 7.27 10.79
N TYR B 35 15.52 7.72 11.60
CA TYR B 35 14.13 7.90 11.16
C TYR B 35 13.51 9.19 11.70
N HIS B 36 12.68 9.83 10.89
CA HIS B 36 11.71 10.79 11.42
C HIS B 36 10.80 10.05 12.39
N GLU B 37 10.39 10.73 13.47
CA GLU B 37 9.43 10.15 14.43
CA GLU B 37 9.44 10.14 14.42
C GLU B 37 8.22 9.57 13.72
N HIS B 38 7.67 10.34 12.76
CA HIS B 38 6.48 9.91 12.04
C HIS B 38 6.76 8.85 10.98
N CYS B 39 8.04 8.49 10.83
CA CYS B 39 8.45 7.46 9.90
C CYS B 39 8.80 6.13 10.59
N PHE B 40 9.15 6.19 11.87
CA PHE B 40 9.34 4.97 12.66
C PHE B 40 7.98 4.53 13.23
N VAL B 41 7.15 4.04 12.32
CA VAL B 41 5.74 3.69 12.60
C VAL B 41 5.38 2.46 11.77
N CYS B 42 4.25 1.84 12.09
CA CYS B 42 3.78 0.69 11.33
C CYS B 42 3.43 1.10 9.90
N ALA B 43 3.86 0.29 8.93
CA ALA B 43 3.61 0.56 7.51
C ALA B 43 2.13 0.46 7.19
N GLN B 44 1.40 -0.35 7.95
CA GLN B 44 -0.02 -0.57 7.72
C GLN B 44 -0.95 0.48 8.35
N CYS B 45 -0.75 0.79 9.63
CA CYS B 45 -1.65 1.71 10.34
C CYS B 45 -1.07 3.10 10.58
N PHE B 46 0.24 3.25 10.32
CA PHE B 46 1.01 4.50 10.50
C PHE B 46 1.17 4.97 11.95
N ARG B 47 0.86 4.09 12.91
CA ARG B 47 0.96 4.49 14.32
C ARG B 47 2.33 4.12 14.91
N PRO B 48 2.78 4.88 15.92
CA PRO B 48 3.97 4.45 16.65
C PRO B 48 3.75 3.05 17.22
N PHE B 49 4.82 2.28 17.30
CA PHE B 49 4.72 0.89 17.73
C PHE B 49 4.42 0.82 19.22
N PRO B 50 3.28 0.20 19.60
CA PRO B 50 3.05 0.00 21.04
C PRO B 50 4.20 -0.79 21.68
N GLU B 51 4.74 -0.25 22.79
CA GLU B 51 5.87 -0.83 23.53
CA GLU B 51 5.87 -0.82 23.53
C GLU B 51 7.15 -0.95 22.68
N GLY B 52 7.16 -0.29 21.52
CA GLY B 52 8.30 -0.33 20.60
C GLY B 52 8.40 -1.60 19.77
N LEU B 53 7.42 -2.48 19.91
CA LEU B 53 7.45 -3.78 19.25
C LEU B 53 7.00 -3.70 17.79
N PHE B 54 7.88 -4.15 16.89
CA PHE B 54 7.57 -4.21 15.47
C PHE B 54 8.08 -5.53 14.87
N TYR B 55 7.48 -5.90 13.74
CA TYR B 55 7.89 -7.06 12.95
C TYR B 55 8.27 -6.60 11.55
N GLU B 56 9.45 -7.04 11.09
CA GLU B 56 9.93 -6.77 9.73
C GLU B 56 9.40 -7.82 8.77
N PHE B 57 8.78 -7.35 7.69
CA PHE B 57 8.36 -8.24 6.62
C PHE B 57 8.62 -7.58 5.29
N GLU B 58 9.43 -8.24 4.46
CA GLU B 58 9.82 -7.74 3.13
C GLU B 58 10.23 -6.26 3.16
N GLY B 59 11.10 -5.90 4.10
CA GLY B 59 11.66 -4.55 4.16
C GLY B 59 10.77 -3.48 4.79
N ARG B 60 9.58 -3.87 5.26
CA ARG B 60 8.67 -2.96 5.96
C ARG B 60 8.40 -3.41 7.39
N LYS B 61 8.08 -2.45 8.25
CA LYS B 61 7.88 -2.68 9.67
C LYS B 61 6.40 -2.63 10.02
N TYR B 62 5.95 -3.57 10.85
CA TYR B 62 4.54 -3.69 11.21
C TYR B 62 4.37 -3.90 12.69
N CYS B 63 3.27 -3.35 13.23
CA CYS B 63 2.91 -3.60 14.62
C CYS B 63 2.41 -5.03 14.76
N GLU B 64 2.32 -5.54 15.98
CA GLU B 64 1.83 -6.90 16.18
C GLU B 64 0.46 -7.15 15.54
N HIS B 65 -0.48 -6.24 15.75
CA HIS B 65 -1.83 -6.39 15.22
C HIS B 65 -1.80 -6.64 13.70
N ASP B 66 -1.20 -5.70 12.97
CA ASP B 66 -1.16 -5.76 11.51
C ASP B 66 -0.34 -6.92 10.97
N PHE B 67 0.78 -7.22 11.60
CA PHE B 67 1.56 -8.38 11.20
C PHE B 67 0.75 -9.69 11.34
N GLN B 68 0.09 -9.85 12.48
CA GLN B 68 -0.79 -10.99 12.72
C GLN B 68 -1.96 -11.06 11.72
N MET B 69 -2.56 -9.91 11.43
CA MET B 69 -3.70 -9.84 10.52
CA MET B 69 -3.70 -9.84 10.52
C MET B 69 -3.34 -10.21 9.09
N LEU B 70 -2.13 -9.80 8.67
CA LEU B 70 -1.74 -9.89 7.26
C LEU B 70 -0.69 -10.93 6.88
N PHE B 71 0.33 -11.11 7.71
CA PHE B 71 1.52 -11.88 7.29
C PHE B 71 1.98 -13.05 8.16
N ALA B 72 1.44 -13.18 9.38
CA ALA B 72 1.92 -14.19 10.35
C ALA B 72 1.72 -15.63 9.86
ZN ZN C . 11.18 9.97 7.11
ZN ZN D . -0.05 -1.35 12.51
#